data_6TJC
#
_entry.id   6TJC
#
_cell.length_a   51.541
_cell.length_b   64.313
_cell.length_c   106.090
_cell.angle_alpha   90.000
_cell.angle_beta   90.000
_cell.angle_gamma   90.000
#
_symmetry.space_group_name_H-M   'P 2 21 21'
#
loop_
_entity.id
_entity.type
_entity.pdbx_description
1 polymer Cake3
2 non-polymer 'PHOSPHATE ION'
3 non-polymer GLYCEROL
4 water water
#
_entity_poly.entity_id   1
_entity_poly.type   'polypeptide(L)'
_entity_poly.pdbx_seq_one_letter_code
;GSHMDGTEKWRFKTGKAIEASPVIGEDGTIYVGSNDGHLYAINPDGTEKWRFKTGKAIEASPVIGEDGTIYVGSNDGHLY
AINPDGTEKWRFKTGKAIEASPVIGEDGTIYVGSNDGHLYAINP
;
_entity_poly.pdbx_strand_id   A,B,C
#
loop_
_chem_comp.id
_chem_comp.type
_chem_comp.name
_chem_comp.formula
GOL non-polymer GLYCEROL 'C3 H8 O3'
PO4 non-polymer 'PHOSPHATE ION' 'O4 P -3'
#
# COMPACT_ATOMS: atom_id res chain seq x y z
N ASP A 5 15.71 5.26 21.73
CA ASP A 5 17.00 5.76 21.24
C ASP A 5 16.86 6.67 20.01
N GLY A 6 16.53 6.11 18.84
CA GLY A 6 16.23 6.94 17.68
C GLY A 6 17.42 7.56 16.97
N THR A 7 18.59 6.95 17.05
CA THR A 7 19.74 7.47 16.33
C THR A 7 19.90 6.72 15.02
N GLU A 8 20.60 7.35 14.09
CA GLU A 8 20.79 6.76 12.78
C GLU A 8 21.82 5.65 12.85
N LYS A 9 21.45 4.45 12.39
CA LYS A 9 22.39 3.36 12.22
C LYS A 9 23.23 3.58 10.95
N TRP A 10 22.58 3.90 9.85
CA TRP A 10 23.26 4.28 8.62
C TRP A 10 22.22 4.91 7.70
N ARG A 11 22.69 5.50 6.60
CA ARG A 11 21.81 5.91 5.53
C ARG A 11 22.45 5.51 4.22
N PHE A 12 21.61 5.21 3.23
CA PHE A 12 22.03 4.69 1.94
C PHE A 12 21.52 5.64 0.87
N LYS A 13 22.41 6.12 0.00
CA LYS A 13 22.02 7.08 -1.03
C LYS A 13 21.53 6.45 -2.31
N THR A 14 20.39 6.93 -2.81
CA THR A 14 20.00 6.72 -4.19
C THR A 14 19.90 8.09 -4.83
N GLY A 15 19.75 8.09 -6.16
CA GLY A 15 19.84 9.33 -6.90
C GLY A 15 18.66 10.26 -6.70
N LYS A 16 17.47 9.69 -6.53
CA LYS A 16 16.25 10.53 -6.42
C LYS A 16 15.36 10.03 -5.29
N ALA A 17 14.17 10.64 -5.16
CA ALA A 17 13.23 10.31 -4.11
C ALA A 17 12.89 8.82 -4.06
N ILE A 18 12.74 8.29 -2.86
CA ILE A 18 12.23 6.93 -2.66
C ILE A 18 10.75 7.04 -2.32
N GLU A 19 9.87 6.55 -3.21
CA GLU A 19 8.45 6.81 -3.04
C GLU A 19 7.66 5.65 -2.42
N ALA A 20 8.23 4.45 -2.32
CA ALA A 20 7.52 3.29 -1.77
C ALA A 20 8.32 2.68 -0.63
N SER A 21 7.63 1.90 0.20
CA SER A 21 8.27 1.28 1.35
C SER A 21 9.32 0.26 0.91
N PRO A 22 10.40 0.11 1.66
CA PRO A 22 11.32 -1.00 1.41
C PRO A 22 10.66 -2.32 1.79
N VAL A 23 11.26 -3.41 1.30
CA VAL A 23 10.86 -4.76 1.66
C VAL A 23 12.10 -5.52 2.09
N ILE A 24 11.97 -6.37 3.12
CA ILE A 24 13.10 -7.07 3.72
C ILE A 24 13.05 -8.57 3.37
N GLY A 25 14.16 -9.10 2.86
CA GLY A 25 14.23 -10.50 2.51
C GLY A 25 14.53 -11.37 3.71
N GLU A 26 14.39 -12.68 3.50
CA GLU A 26 14.60 -13.64 4.58
C GLU A 26 15.99 -13.50 5.18
N ASP A 27 17.00 -13.26 4.33
CA ASP A 27 18.39 -13.13 4.74
C ASP A 27 18.72 -11.75 5.31
N GLY A 28 17.72 -10.90 5.50
CA GLY A 28 17.93 -9.57 6.02
C GLY A 28 18.21 -8.50 4.99
N THR A 29 18.37 -8.87 3.71
CA THR A 29 18.63 -7.86 2.67
C THR A 29 17.44 -6.92 2.55
N ILE A 30 17.70 -5.62 2.46
CA ILE A 30 16.64 -4.63 2.29
C ILE A 30 16.58 -4.22 0.82
N TYR A 31 15.41 -4.39 0.20
CA TYR A 31 15.19 -4.00 -1.19
C TYR A 31 14.35 -2.73 -1.26
N VAL A 32 14.74 -1.82 -2.14
CA VAL A 32 13.97 -0.58 -2.27
C VAL A 32 14.19 -0.02 -3.68
N GLY A 33 13.11 0.42 -4.29
CA GLY A 33 13.21 1.09 -5.57
C GLY A 33 13.34 2.58 -5.38
N SER A 34 13.90 3.25 -6.38
CA SER A 34 14.09 4.69 -6.30
C SER A 34 13.54 5.32 -7.57
N ASN A 35 13.17 6.59 -7.46
CA ASN A 35 12.87 7.37 -8.64
C ASN A 35 14.07 7.49 -9.59
N ASP A 36 15.29 7.11 -9.16
CA ASP A 36 16.37 7.08 -10.15
C ASP A 36 16.27 5.85 -11.05
N GLY A 37 15.25 5.03 -10.87
CA GLY A 37 14.98 3.90 -11.74
C GLY A 37 15.66 2.61 -11.36
N HIS A 38 16.45 2.59 -10.28
CA HIS A 38 17.17 1.40 -9.87
C HIS A 38 16.44 0.70 -8.72
N LEU A 39 16.54 -0.63 -8.72
CA LEU A 39 16.19 -1.42 -7.55
C LEU A 39 17.47 -1.69 -6.77
N TYR A 40 17.48 -1.33 -5.49
CA TYR A 40 18.66 -1.49 -4.64
C TYR A 40 18.47 -2.67 -3.70
N ALA A 41 19.51 -3.49 -3.58
CA ALA A 41 19.62 -4.54 -2.56
C ALA A 41 20.72 -4.09 -1.60
N ILE A 42 20.34 -3.83 -0.36
CA ILE A 42 21.20 -3.22 0.65
C ILE A 42 21.41 -4.22 1.77
N ASN A 43 22.68 -4.43 2.15
CA ASN A 43 22.98 -5.31 3.27
C ASN A 43 22.51 -4.70 4.58
N PRO A 44 22.32 -5.51 5.62
CA PRO A 44 21.95 -4.97 6.95
C PRO A 44 22.93 -3.93 7.49
N ASP A 45 24.19 -3.95 7.06
CA ASP A 45 25.16 -2.96 7.51
C ASP A 45 25.19 -1.71 6.63
N GLY A 46 24.29 -1.64 5.64
CA GLY A 46 24.10 -0.43 4.86
C GLY A 46 24.98 -0.32 3.63
N THR A 47 25.77 -1.36 3.33
CA THR A 47 26.52 -1.40 2.08
C THR A 47 25.64 -1.98 0.98
N GLU A 48 25.99 -1.67 -0.26
CA GLU A 48 25.18 -2.11 -1.40
C GLU A 48 25.52 -3.54 -1.77
N LYS A 49 24.52 -4.41 -1.75
CA LYS A 49 24.73 -5.75 -2.28
C LYS A 49 24.74 -5.72 -3.81
N TRP A 50 23.77 -5.02 -4.41
CA TRP A 50 23.76 -4.79 -5.84
C TRP A 50 22.70 -3.73 -6.15
N ARG A 51 22.72 -3.24 -7.39
CA ARG A 51 21.62 -2.42 -7.86
C ARG A 51 21.26 -2.87 -9.27
N PHE A 52 19.98 -2.76 -9.60
CA PHE A 52 19.47 -3.23 -10.89
C PHE A 52 18.79 -2.05 -11.57
N LYS A 53 19.23 -1.72 -12.79
CA LYS A 53 18.73 -0.54 -13.48
C LYS A 53 17.50 -0.86 -14.33
N THR A 54 16.42 -0.12 -14.11
CA THR A 54 15.30 -0.08 -15.06
C THR A 54 15.31 1.28 -15.74
N GLY A 55 14.44 1.47 -16.73
CA GLY A 55 14.52 2.65 -17.56
C GLY A 55 13.99 3.92 -16.92
N LYS A 56 13.05 3.81 -15.99
CA LYS A 56 12.42 4.98 -15.39
C LYS A 56 12.14 4.70 -13.92
N ALA A 57 11.53 5.66 -13.23
CA ALA A 57 11.33 5.58 -11.79
C ALA A 57 10.56 4.32 -11.41
N ILE A 58 10.87 3.79 -10.22
CA ILE A 58 10.12 2.69 -9.63
C ILE A 58 9.23 3.28 -8.55
N GLU A 59 7.90 3.14 -8.71
CA GLU A 59 6.96 3.83 -7.85
C GLU A 59 6.36 2.96 -6.76
N ALA A 60 6.46 1.63 -6.85
CA ALA A 60 5.83 0.74 -5.88
C ALA A 60 6.87 -0.21 -5.29
N SER A 61 6.54 -0.75 -4.13
CA SER A 61 7.43 -1.67 -3.44
C SER A 61 7.66 -2.94 -4.25
N PRO A 62 8.85 -3.53 -4.15
CA PRO A 62 9.06 -4.85 -4.76
C PRO A 62 8.35 -5.91 -3.95
N VAL A 63 8.22 -7.10 -4.57
CA VAL A 63 7.57 -8.26 -3.97
C VAL A 63 8.53 -9.43 -4.09
N ILE A 64 8.72 -10.19 -3.02
CA ILE A 64 9.63 -11.32 -3.02
C ILE A 64 8.84 -12.62 -3.13
N GLY A 65 9.14 -13.43 -4.16
CA GLY A 65 8.53 -14.73 -4.31
C GLY A 65 9.10 -15.77 -3.34
N GLU A 66 8.38 -16.90 -3.27
CA GLU A 66 8.79 -17.95 -2.34
C GLU A 66 10.18 -18.51 -2.68
N ASP A 67 10.53 -18.55 -3.97
CA ASP A 67 11.85 -19.02 -4.33
C ASP A 67 12.92 -17.92 -4.25
N GLY A 68 12.58 -16.76 -3.70
CA GLY A 68 13.53 -15.68 -3.54
C GLY A 68 13.58 -14.68 -4.68
N THR A 69 12.92 -14.96 -5.80
CA THR A 69 12.87 -13.99 -6.89
C THR A 69 12.26 -12.67 -6.41
N ILE A 70 12.84 -11.56 -6.84
CA ILE A 70 12.38 -10.22 -6.49
C ILE A 70 11.68 -9.62 -7.70
N TYR A 71 10.41 -9.28 -7.55
CA TYR A 71 9.63 -8.70 -8.65
C TYR A 71 9.41 -7.22 -8.41
N VAL A 72 9.62 -6.40 -9.45
CA VAL A 72 9.42 -4.95 -9.32
C VAL A 72 8.91 -4.40 -10.64
N GLY A 73 7.88 -3.57 -10.56
CA GLY A 73 7.40 -2.85 -11.74
C GLY A 73 8.13 -1.53 -11.90
N SER A 74 8.20 -1.08 -13.14
CA SER A 74 8.88 0.16 -13.46
C SER A 74 7.98 1.08 -14.29
N ASN A 75 8.22 2.38 -14.18
CA ASN A 75 7.58 3.32 -15.09
C ASN A 75 8.04 3.12 -16.53
N ASP A 76 9.09 2.34 -16.77
CA ASP A 76 9.42 2.04 -18.15
C ASP A 76 8.46 1.02 -18.76
N GLY A 77 7.45 0.57 -18.01
CA GLY A 77 6.43 -0.34 -18.51
C GLY A 77 6.68 -1.82 -18.29
N HIS A 78 7.86 -2.20 -17.80
CA HIS A 78 8.18 -3.61 -17.63
C HIS A 78 8.06 -4.03 -16.18
N LEU A 79 7.66 -5.28 -16.00
CA LEU A 79 7.77 -5.99 -14.72
C LEU A 79 9.07 -6.78 -14.79
N TYR A 80 9.96 -6.56 -13.83
CA TYR A 80 11.25 -7.23 -13.77
C TYR A 80 11.23 -8.32 -12.72
N ALA A 81 11.79 -9.49 -13.06
CA ALA A 81 12.02 -10.58 -12.11
C ALA A 81 13.52 -10.73 -11.94
N ILE A 82 14.01 -10.50 -10.73
CA ILE A 82 15.44 -10.38 -10.47
C ILE A 82 15.84 -11.50 -9.52
N ASN A 83 16.93 -12.20 -9.86
CA ASN A 83 17.43 -13.27 -9.00
C ASN A 83 18.05 -12.69 -7.74
N PRO A 84 18.10 -13.48 -6.64
CA PRO A 84 18.74 -12.97 -5.42
C PRO A 84 20.13 -12.40 -5.64
N ASP A 85 20.87 -12.88 -6.64
CA ASP A 85 22.23 -12.38 -6.86
C ASP A 85 22.28 -11.15 -7.76
N GLY A 86 21.13 -10.58 -8.14
CA GLY A 86 21.10 -9.38 -8.94
C GLY A 86 21.03 -9.62 -10.43
N THR A 87 21.14 -10.86 -10.89
CA THR A 87 21.01 -11.08 -12.32
C THR A 87 19.55 -11.05 -12.70
N GLU A 88 19.27 -10.68 -13.96
CA GLU A 88 17.89 -10.64 -14.44
C GLU A 88 17.40 -12.05 -14.73
N LYS A 89 16.26 -12.42 -14.14
CA LYS A 89 15.64 -13.68 -14.52
C LYS A 89 14.82 -13.49 -15.79
N TRP A 90 13.95 -12.48 -15.80
CA TRP A 90 13.25 -12.06 -17.02
C TRP A 90 12.66 -10.68 -16.81
N ARG A 91 12.18 -10.09 -17.91
CA ARG A 91 11.39 -8.89 -17.81
C ARG A 91 10.23 -9.02 -18.77
N PHE A 92 9.12 -8.39 -18.41
CA PHE A 92 7.85 -8.59 -19.12
C PHE A 92 7.34 -7.21 -19.49
N LYS A 93 7.11 -6.98 -20.77
CA LYS A 93 6.70 -5.68 -21.28
C LYS A 93 5.19 -5.48 -21.17
N THR A 94 4.78 -4.36 -20.59
CA THR A 94 3.41 -3.87 -20.73
C THR A 94 3.45 -2.55 -21.49
N GLY A 95 2.28 -2.01 -21.77
CA GLY A 95 2.22 -0.86 -22.66
C GLY A 95 2.68 0.44 -22.02
N LYS A 96 2.49 0.58 -20.70
CA LYS A 96 2.72 1.84 -20.00
C LYS A 96 3.22 1.55 -18.59
N ALA A 97 3.45 2.61 -17.81
CA ALA A 97 4.00 2.51 -16.46
C ALA A 97 3.21 1.52 -15.59
N ILE A 98 3.93 0.82 -14.72
CA ILE A 98 3.34 -0.07 -13.73
C ILE A 98 3.43 0.64 -12.39
N GLU A 99 2.30 1.11 -11.88
CA GLU A 99 2.30 1.99 -10.71
C GLU A 99 2.04 1.28 -9.39
N ALA A 100 1.76 -0.01 -9.39
CA ALA A 100 1.43 -0.72 -8.15
C ALA A 100 2.15 -2.07 -8.11
N SER A 101 2.32 -2.58 -6.90
CA SER A 101 3.08 -3.82 -6.72
C SER A 101 2.37 -5.01 -7.35
N PRO A 102 3.12 -5.98 -7.89
CA PRO A 102 2.48 -7.20 -8.36
C PRO A 102 2.03 -8.03 -7.19
N VAL A 103 1.23 -9.04 -7.50
CA VAL A 103 0.70 -9.97 -6.52
C VAL A 103 0.91 -11.38 -7.04
N ILE A 104 1.26 -12.30 -6.16
CA ILE A 104 1.57 -13.66 -6.56
C ILE A 104 0.44 -14.58 -6.10
N GLY A 105 -0.11 -15.34 -7.05
CA GLY A 105 -1.12 -16.32 -6.72
C GLY A 105 -0.52 -17.57 -6.12
N GLU A 106 -1.42 -18.41 -5.63
CA GLU A 106 -0.96 -19.64 -4.98
C GLU A 106 -0.17 -20.54 -5.92
N ASP A 107 -0.62 -20.67 -7.14
CA ASP A 107 0.07 -21.50 -8.11
C ASP A 107 1.29 -20.82 -8.67
N GLY A 108 1.64 -19.63 -8.16
CA GLY A 108 2.83 -18.94 -8.55
C GLY A 108 2.63 -17.89 -9.64
N THR A 109 1.46 -17.86 -10.26
CA THR A 109 1.18 -16.87 -11.28
C THR A 109 1.36 -15.47 -10.71
N ILE A 110 1.96 -14.58 -11.50
CA ILE A 110 2.18 -13.20 -11.08
C ILE A 110 1.16 -12.31 -11.78
N TYR A 111 0.44 -11.50 -11.01
CA TYR A 111 -0.55 -10.59 -11.54
C TYR A 111 -0.05 -9.16 -11.37
N VAL A 112 -0.19 -8.34 -12.39
CA VAL A 112 0.25 -6.96 -12.31
C VAL A 112 -0.65 -6.12 -13.22
N GLY A 113 -1.11 -4.99 -12.70
CA GLY A 113 -1.90 -4.05 -13.49
C GLY A 113 -0.99 -3.02 -14.12
N SER A 114 -1.42 -2.46 -15.25
CA SER A 114 -0.60 -1.49 -15.95
C SER A 114 -1.43 -0.25 -16.24
N ASN A 115 -0.75 0.88 -16.43
CA ASN A 115 -1.42 2.07 -16.91
C ASN A 115 -1.96 1.90 -18.32
N ASP A 116 -1.57 0.84 -19.02
CA ASP A 116 -2.24 0.58 -20.30
C ASP A 116 -3.63 -0.02 -20.13
N GLY A 117 -4.11 -0.19 -18.89
CA GLY A 117 -5.47 -0.66 -18.65
C GLY A 117 -5.64 -2.16 -18.53
N HIS A 118 -4.58 -2.94 -18.73
CA HIS A 118 -4.71 -4.39 -18.65
C HIS A 118 -4.22 -4.89 -17.30
N LEU A 119 -4.86 -5.95 -16.83
CA LEU A 119 -4.29 -6.81 -15.80
C LEU A 119 -3.59 -7.95 -16.52
N TYR A 120 -2.30 -8.16 -16.23
CA TYR A 120 -1.51 -9.21 -16.84
C TYR A 120 -1.33 -10.36 -15.86
N ALA A 121 -1.48 -11.59 -16.34
CA ALA A 121 -1.13 -12.79 -15.59
C ALA A 121 0.09 -13.40 -16.26
N ILE A 122 1.16 -13.60 -15.48
CA ILE A 122 2.46 -13.96 -16.02
C ILE A 122 2.92 -15.28 -15.38
N ASN A 123 3.39 -16.20 -16.21
CA ASN A 123 3.89 -17.47 -15.67
C ASN A 123 5.26 -17.25 -15.04
N PRO A 124 5.54 -17.78 -13.83
CA PRO A 124 6.82 -17.47 -13.17
C PRO A 124 8.00 -18.21 -13.78
N ASP B 5 -25.68 -4.59 6.44
CA ASP B 5 -26.31 -3.42 7.04
C ASP B 5 -25.88 -2.09 6.38
N GLY B 6 -24.63 -1.64 6.53
CA GLY B 6 -24.15 -0.51 5.72
C GLY B 6 -24.43 0.87 6.29
N THR B 7 -24.84 0.97 7.54
CA THR B 7 -25.10 2.23 8.22
C THR B 7 -23.87 2.70 8.97
N GLU B 8 -23.81 4.01 9.20
CA GLU B 8 -22.69 4.61 9.93
C GLU B 8 -22.76 4.22 11.40
N LYS B 9 -21.67 3.66 11.91
CA LYS B 9 -21.53 3.46 13.35
C LYS B 9 -21.13 4.76 14.02
N TRP B 10 -20.14 5.45 13.45
CA TRP B 10 -19.74 6.80 13.87
C TRP B 10 -18.85 7.37 12.78
N ARG B 11 -18.53 8.65 12.90
CA ARG B 11 -17.52 9.27 12.07
C ARG B 11 -16.65 10.16 12.93
N PHE B 12 -15.40 10.34 12.49
CA PHE B 12 -14.44 11.11 13.26
C PHE B 12 -13.81 12.16 12.36
N LYS B 13 -13.93 13.43 12.76
CA LYS B 13 -13.54 14.55 11.90
C LYS B 13 -12.08 14.92 12.12
N THR B 14 -11.30 14.92 11.05
CA THR B 14 -10.01 15.58 11.04
C THR B 14 -10.09 16.81 10.13
N GLY B 15 -9.03 17.60 10.14
CA GLY B 15 -9.10 18.90 9.50
C GLY B 15 -9.06 18.87 7.98
N LYS B 16 -8.40 17.86 7.40
CA LYS B 16 -8.18 17.78 5.95
C LYS B 16 -8.29 16.31 5.53
N ALA B 17 -8.14 16.08 4.22
CA ALA B 17 -8.26 14.75 3.64
C ALA B 17 -7.39 13.72 4.33
N ILE B 18 -7.92 12.51 4.46
CA ILE B 18 -7.21 11.34 4.96
C ILE B 18 -6.80 10.51 3.75
N GLU B 19 -5.51 10.45 3.46
CA GLU B 19 -5.06 9.85 2.22
C GLU B 19 -4.61 8.39 2.36
N ALA B 20 -4.40 7.88 3.57
CA ALA B 20 -3.87 6.54 3.75
C ALA B 20 -4.80 5.72 4.62
N SER B 21 -4.65 4.39 4.52
CA SER B 21 -5.54 3.51 5.27
C SER B 21 -5.28 3.64 6.77
N PRO B 22 -6.32 3.50 7.60
CA PRO B 22 -6.10 3.46 9.05
C PRO B 22 -5.45 2.15 9.45
N VAL B 23 -4.91 2.11 10.66
CA VAL B 23 -4.23 0.93 11.19
C VAL B 23 -4.77 0.62 12.58
N ILE B 24 -5.14 -0.64 12.81
CA ILE B 24 -5.69 -1.06 14.11
C ILE B 24 -4.57 -1.66 14.95
N GLY B 25 -4.41 -1.15 16.17
CA GLY B 25 -3.36 -1.64 17.05
C GLY B 25 -3.80 -2.88 17.81
N GLU B 26 -2.83 -3.45 18.54
CA GLU B 26 -3.05 -4.72 19.23
C GLU B 26 -4.01 -4.62 20.41
N ASP B 27 -4.35 -3.41 20.84
CA ASP B 27 -5.39 -3.20 21.84
C ASP B 27 -6.71 -2.70 21.25
N GLY B 28 -6.83 -2.66 19.93
CA GLY B 28 -8.04 -2.20 19.28
C GLY B 28 -8.05 -0.73 18.88
N THR B 29 -7.09 0.07 19.35
CA THR B 29 -7.06 1.48 19.00
C THR B 29 -6.91 1.64 17.49
N ILE B 30 -7.63 2.59 16.91
CA ILE B 30 -7.55 2.88 15.47
C ILE B 30 -6.68 4.10 15.28
N TYR B 31 -5.62 3.98 14.46
CA TYR B 31 -4.71 5.08 14.19
C TYR B 31 -4.82 5.51 12.73
N VAL B 32 -4.86 6.82 12.51
CA VAL B 32 -4.99 7.33 11.15
C VAL B 32 -4.32 8.69 11.07
N GLY B 33 -3.60 8.91 9.96
CA GLY B 33 -2.96 10.17 9.69
C GLY B 33 -3.84 11.04 8.82
N SER B 34 -3.65 12.34 8.93
CA SER B 34 -4.47 13.30 8.21
C SER B 34 -3.57 14.27 7.46
N ASN B 35 -4.13 14.84 6.39
CA ASN B 35 -3.44 15.96 5.73
C ASN B 35 -3.39 17.19 6.62
N ASP B 36 -4.08 17.19 7.76
CA ASP B 36 -3.96 18.30 8.70
C ASP B 36 -2.73 18.18 9.59
N GLY B 37 -1.88 17.18 9.31
CA GLY B 37 -0.61 17.05 9.98
C GLY B 37 -0.63 16.23 11.26
N HIS B 38 -1.81 15.84 11.74
CA HIS B 38 -1.88 15.09 12.99
C HIS B 38 -2.03 13.59 12.73
N LEU B 39 -1.45 12.80 13.62
CA LEU B 39 -1.82 11.39 13.75
C LEU B 39 -2.88 11.29 14.84
N TYR B 40 -4.00 10.66 14.53
CA TYR B 40 -5.08 10.51 15.50
C TYR B 40 -5.10 9.09 16.03
N ALA B 41 -5.28 8.95 17.33
CA ALA B 41 -5.55 7.67 17.97
C ALA B 41 -7.01 7.69 18.41
N ILE B 42 -7.81 6.79 17.85
CA ILE B 42 -9.25 6.81 18.01
C ILE B 42 -9.70 5.54 18.70
N ASN B 43 -10.47 5.69 19.76
CA ASN B 43 -11.01 4.53 20.45
C ASN B 43 -12.06 3.84 19.57
N PRO B 44 -12.31 2.55 19.82
CA PRO B 44 -13.35 1.85 19.05
C PRO B 44 -14.72 2.54 19.11
N ASP B 45 -15.04 3.24 20.18
CA ASP B 45 -16.34 3.92 20.22
C ASP B 45 -16.33 5.24 19.46
N GLY B 46 -15.21 5.62 18.84
CA GLY B 46 -15.17 6.82 18.03
C GLY B 46 -14.69 8.07 18.73
N THR B 47 -14.35 8.00 20.02
CA THR B 47 -13.79 9.15 20.72
C THR B 47 -12.29 9.21 20.53
N GLU B 48 -11.75 10.42 20.57
CA GLU B 48 -10.32 10.63 20.41
C GLU B 48 -9.59 10.18 21.66
N LYS B 49 -8.68 9.21 21.50
CA LYS B 49 -7.74 8.91 22.58
C LYS B 49 -6.69 10.00 22.71
N TRP B 50 -6.06 10.37 21.58
CA TRP B 50 -5.19 11.54 21.53
C TRP B 50 -4.94 11.87 20.07
N ARG B 51 -4.31 13.02 19.85
CA ARG B 51 -3.76 13.36 18.55
C ARG B 51 -2.34 13.84 18.74
N PHE B 52 -1.51 13.59 17.74
CA PHE B 52 -0.10 13.91 17.77
C PHE B 52 0.21 14.81 16.58
N LYS B 53 0.77 15.99 16.85
CA LYS B 53 1.01 16.99 15.80
C LYS B 53 2.36 16.81 15.13
N THR B 54 2.36 16.71 13.79
CA THR B 54 3.55 16.91 12.98
C THR B 54 3.38 18.20 12.19
N GLY B 55 4.43 18.59 11.46
CA GLY B 55 4.42 19.91 10.84
C GLY B 55 3.66 20.03 9.53
N LYS B 56 3.43 18.92 8.84
CA LYS B 56 2.82 18.91 7.51
C LYS B 56 2.08 17.59 7.34
N ALA B 57 1.39 17.46 6.21
CA ALA B 57 0.50 16.33 5.98
C ALA B 57 1.21 15.00 6.21
N ILE B 58 0.47 14.04 6.74
CA ILE B 58 0.95 12.66 6.84
C ILE B 58 0.33 11.88 5.69
N GLU B 59 1.15 11.40 4.75
CA GLU B 59 0.64 10.79 3.53
C GLU B 59 0.56 9.26 3.56
N ALA B 60 1.19 8.59 4.52
CA ALA B 60 1.19 7.13 4.53
C ALA B 60 0.75 6.60 5.89
N SER B 61 0.35 5.31 5.89
CA SER B 61 -0.17 4.70 7.10
C SER B 61 0.92 4.58 8.15
N PRO B 62 0.57 4.71 9.42
CA PRO B 62 1.53 4.44 10.49
C PRO B 62 1.82 2.95 10.59
N VAL B 63 2.92 2.64 11.26
CA VAL B 63 3.32 1.26 11.49
C VAL B 63 3.50 1.07 13.00
N ILE B 64 3.02 -0.05 13.53
CA ILE B 64 3.03 -0.27 14.97
C ILE B 64 4.04 -1.38 15.27
N GLY B 65 4.98 -1.10 16.20
CA GLY B 65 5.93 -2.11 16.60
C GLY B 65 5.34 -3.09 17.60
N GLU B 66 6.00 -4.24 17.75
CA GLU B 66 5.47 -5.26 18.66
C GLU B 66 5.45 -4.78 20.11
N ASP B 67 6.23 -3.75 20.46
CA ASP B 67 6.19 -3.18 21.80
C ASP B 67 5.16 -2.06 21.95
N GLY B 68 4.37 -1.79 20.91
CA GLY B 68 3.32 -0.79 20.97
C GLY B 68 3.68 0.59 20.44
N THR B 69 4.97 0.85 20.19
CA THR B 69 5.36 2.14 19.62
C THR B 69 4.72 2.32 18.25
N ILE B 70 4.28 3.54 17.95
CA ILE B 70 3.66 3.88 16.67
C ILE B 70 4.63 4.74 15.88
N TYR B 71 4.95 4.33 14.65
CA TYR B 71 5.88 5.07 13.81
C TYR B 71 5.15 5.70 12.65
N VAL B 72 5.46 6.96 12.33
CA VAL B 72 4.77 7.61 11.23
C VAL B 72 5.66 8.69 10.67
N GLY B 73 5.68 8.78 9.34
CA GLY B 73 6.47 9.77 8.66
C GLY B 73 5.57 10.91 8.26
N SER B 74 6.18 12.07 8.07
CA SER B 74 5.45 13.29 7.78
C SER B 74 6.09 13.98 6.59
N ASN B 75 5.28 14.77 5.88
CA ASN B 75 5.84 15.66 4.88
C ASN B 75 6.75 16.73 5.48
N ASP B 76 6.81 16.88 6.81
CA ASP B 76 7.81 17.76 7.39
C ASP B 76 9.20 17.14 7.42
N GLY B 77 9.35 15.94 6.87
CA GLY B 77 10.65 15.31 6.76
C GLY B 77 11.06 14.44 7.92
N HIS B 78 10.29 14.42 9.01
CA HIS B 78 10.67 13.65 10.19
C HIS B 78 9.93 12.32 10.24
N LEU B 79 10.61 11.29 10.73
CA LEU B 79 9.98 10.08 11.21
C LEU B 79 9.74 10.22 12.71
N TYR B 80 8.50 10.01 13.14
CA TYR B 80 8.11 10.10 14.55
C TYR B 80 7.92 8.72 15.14
N ALA B 81 8.50 8.48 16.31
CA ALA B 81 8.14 7.35 17.17
C ALA B 81 7.28 7.88 18.31
N ILE B 82 6.07 7.35 18.44
CA ILE B 82 5.09 7.84 19.41
C ILE B 82 4.77 6.73 20.40
N ASN B 83 4.79 7.04 21.70
CA ASN B 83 4.41 6.06 22.70
C ASN B 83 2.91 5.80 22.68
N PRO B 84 2.46 4.64 23.19
CA PRO B 84 1.02 4.36 23.17
C PRO B 84 0.18 5.42 23.86
N ASP B 85 0.75 6.17 24.81
CA ASP B 85 0.00 7.24 25.48
C ASP B 85 0.04 8.55 24.72
N GLY B 86 0.64 8.57 23.53
CA GLY B 86 0.58 9.74 22.70
C GLY B 86 1.73 10.71 22.90
N THR B 87 2.67 10.40 23.78
CA THR B 87 3.85 11.24 23.92
C THR B 87 4.91 10.83 22.90
N GLU B 88 5.75 11.79 22.51
CA GLU B 88 6.83 11.49 21.57
C GLU B 88 7.91 10.64 22.23
N LYS B 89 8.22 9.49 21.63
CA LYS B 89 9.40 8.74 22.07
C LYS B 89 10.66 9.36 21.50
N TRP B 90 10.68 9.56 20.17
CA TRP B 90 11.75 10.32 19.53
C TRP B 90 11.27 10.79 18.16
N ARG B 91 12.09 11.64 17.54
CA ARG B 91 11.85 12.24 16.23
C ARG B 91 13.15 12.16 15.44
N PHE B 92 13.06 11.76 14.18
CA PHE B 92 14.24 11.57 13.36
C PHE B 92 14.12 12.41 12.10
N LYS B 93 15.10 13.29 11.85
CA LYS B 93 15.00 14.20 10.73
C LYS B 93 15.61 13.62 9.46
N THR B 94 14.84 13.66 8.37
CA THR B 94 15.38 13.50 7.02
C THR B 94 15.26 14.82 6.28
N GLY B 95 15.85 14.88 5.08
CA GLY B 95 15.96 16.14 4.38
C GLY B 95 14.67 16.63 3.75
N LYS B 96 13.76 15.72 3.40
CA LYS B 96 12.57 16.06 2.63
C LYS B 96 11.43 15.15 3.09
N ALA B 97 10.26 15.31 2.47
CA ALA B 97 9.06 14.59 2.90
C ALA B 97 9.26 13.07 2.86
N ILE B 98 8.65 12.38 3.82
CA ILE B 98 8.61 10.92 3.83
C ILE B 98 7.23 10.51 3.30
N GLU B 99 7.19 9.89 2.12
CA GLU B 99 5.89 9.63 1.50
C GLU B 99 5.39 8.20 1.68
N ALA B 100 6.19 7.28 2.20
CA ALA B 100 5.75 5.91 2.39
C ALA B 100 5.96 5.46 3.83
N SER B 101 5.26 4.40 4.20
CA SER B 101 5.33 3.88 5.56
C SER B 101 6.72 3.31 5.85
N PRO B 102 7.17 3.39 7.10
CA PRO B 102 8.41 2.70 7.48
C PRO B 102 8.18 1.20 7.53
N VAL B 103 9.28 0.47 7.69
CA VAL B 103 9.26 -0.98 7.83
C VAL B 103 10.20 -1.36 8.95
N ILE B 104 9.81 -2.38 9.73
CA ILE B 104 10.55 -2.80 10.92
C ILE B 104 11.19 -4.15 10.64
N GLY B 105 12.52 -4.22 10.82
CA GLY B 105 13.23 -5.45 10.66
C GLY B 105 13.10 -6.36 11.87
N GLU B 106 13.56 -7.61 11.71
CA GLU B 106 13.37 -8.59 12.78
C GLU B 106 14.22 -8.27 14.01
N ASP B 107 15.28 -7.48 13.85
CA ASP B 107 16.08 -7.06 14.98
C ASP B 107 15.66 -5.70 15.54
N GLY B 108 14.56 -5.13 15.05
CA GLY B 108 14.00 -3.90 15.59
C GLY B 108 14.35 -2.64 14.84
N THR B 109 15.36 -2.70 13.95
CA THR B 109 15.75 -1.54 13.17
C THR B 109 14.56 -1.02 12.37
N ILE B 110 14.41 0.30 12.35
CA ILE B 110 13.36 0.96 11.57
C ILE B 110 13.99 1.46 10.27
N TYR B 111 13.39 1.09 9.15
CA TYR B 111 13.86 1.51 7.84
C TYR B 111 12.84 2.44 7.19
N VAL B 112 13.30 3.52 6.59
CA VAL B 112 12.36 4.47 6.00
C VAL B 112 13.05 5.19 4.84
N GLY B 113 12.32 5.34 3.74
CA GLY B 113 12.79 6.09 2.59
C GLY B 113 12.37 7.56 2.68
N SER B 114 13.13 8.43 2.06
CA SER B 114 12.80 9.84 2.08
C SER B 114 12.86 10.40 0.67
N ASN B 115 12.15 11.51 0.46
CA ASN B 115 12.26 12.23 -0.80
C ASN B 115 13.63 12.83 -0.99
N ASP B 116 14.46 12.86 0.06
CA ASP B 116 15.82 13.31 -0.14
C ASP B 116 16.67 12.23 -0.77
N GLY B 117 16.08 11.07 -1.06
CA GLY B 117 16.73 10.05 -1.84
C GLY B 117 17.44 8.98 -1.03
N HIS B 118 17.46 9.11 0.30
CA HIS B 118 18.17 8.14 1.11
C HIS B 118 17.20 7.13 1.72
N LEU B 119 17.68 5.91 1.88
CA LEU B 119 17.10 4.96 2.80
C LEU B 119 17.80 5.09 4.15
N TYR B 120 17.02 5.35 5.19
CA TYR B 120 17.55 5.48 6.55
C TYR B 120 17.28 4.21 7.35
N ALA B 121 18.30 3.79 8.11
CA ALA B 121 18.16 2.74 9.12
C ALA B 121 18.30 3.40 10.48
N ILE B 122 17.27 3.27 11.32
CA ILE B 122 17.19 4.02 12.57
C ILE B 122 17.19 3.02 13.72
N ASN B 123 18.01 3.29 14.74
CA ASN B 123 17.98 2.46 15.94
C ASN B 123 16.69 2.72 16.71
N PRO B 124 15.98 1.68 17.19
CA PRO B 124 14.69 1.85 17.87
C PRO B 124 14.84 2.41 19.28
N ASP C 5 10.36 -18.38 -16.24
CA ASP C 5 9.66 -18.46 -17.51
C ASP C 5 9.21 -17.05 -18.03
N GLY C 6 8.29 -16.35 -17.37
CA GLY C 6 8.04 -14.96 -17.74
C GLY C 6 7.15 -14.76 -18.96
N THR C 7 6.34 -15.74 -19.32
CA THR C 7 5.46 -15.66 -20.48
C THR C 7 4.05 -15.26 -20.05
N GLU C 8 3.31 -14.69 -20.98
CA GLU C 8 1.96 -14.21 -20.69
C GLU C 8 1.00 -15.38 -20.64
N LYS C 9 0.40 -15.63 -19.48
CA LYS C 9 -0.71 -16.58 -19.40
C LYS C 9 -1.98 -15.98 -20.01
N TRP C 10 -2.31 -14.74 -19.66
CA TRP C 10 -3.34 -13.98 -20.35
C TRP C 10 -3.19 -12.51 -19.97
N ARG C 11 -3.96 -11.68 -20.66
N ARG C 11 -3.99 -11.68 -20.64
CA ARG C 11 -4.17 -10.29 -20.27
CA ARG C 11 -4.16 -10.29 -20.22
C ARG C 11 -5.66 -10.03 -20.24
C ARG C 11 -5.63 -9.92 -20.33
N PHE C 12 -6.09 -9.10 -19.39
CA PHE C 12 -7.50 -8.77 -19.25
C PHE C 12 -7.65 -7.27 -19.40
N LYS C 13 -8.48 -6.85 -20.36
CA LYS C 13 -8.58 -5.44 -20.71
C LYS C 13 -9.62 -4.72 -19.85
N THR C 14 -9.21 -3.62 -19.21
CA THR C 14 -10.15 -2.64 -18.66
C THR C 14 -10.02 -1.35 -19.47
N GLY C 15 -10.90 -0.40 -19.17
CA GLY C 15 -11.01 0.76 -20.04
C GLY C 15 -9.94 1.82 -19.82
N LYS C 16 -9.34 1.82 -18.65
CA LYS C 16 -8.38 2.85 -18.24
C LYS C 16 -7.35 2.23 -17.30
N ALA C 17 -6.35 3.02 -16.92
CA ALA C 17 -5.24 2.58 -16.09
C ALA C 17 -5.71 1.84 -14.82
N ILE C 18 -4.96 0.80 -14.45
CA ILE C 18 -5.15 0.09 -13.19
C ILE C 18 -4.10 0.58 -12.21
N GLU C 19 -4.53 1.32 -11.19
CA GLU C 19 -3.57 2.04 -10.37
C GLU C 19 -3.24 1.34 -9.06
N ALA C 20 -3.91 0.26 -8.70
CA ALA C 20 -3.66 -0.40 -7.43
C ALA C 20 -3.53 -1.91 -7.64
N SER C 21 -2.93 -2.57 -6.67
CA SER C 21 -2.69 -3.99 -6.82
C SER C 21 -4.00 -4.78 -6.83
N PRO C 22 -4.05 -5.90 -7.53
CA PRO C 22 -5.23 -6.77 -7.43
C PRO C 22 -5.22 -7.52 -6.10
N VAL C 23 -6.36 -8.11 -5.79
N VAL C 23 -6.34 -8.16 -5.81
CA VAL C 23 -6.48 -8.99 -4.63
CA VAL C 23 -6.53 -8.97 -4.62
C VAL C 23 -7.05 -10.32 -5.13
C VAL C 23 -7.16 -10.30 -5.04
N ILE C 24 -6.65 -11.40 -4.48
CA ILE C 24 -7.08 -12.74 -4.85
C ILE C 24 -7.89 -13.32 -3.71
N GLY C 25 -9.11 -13.81 -4.01
CA GLY C 25 -9.93 -14.45 -3.00
C GLY C 25 -9.55 -15.92 -2.81
N GLU C 26 -10.17 -16.53 -1.78
CA GLU C 26 -9.81 -17.91 -1.46
C GLU C 26 -10.14 -18.86 -2.59
N ASP C 27 -11.23 -18.61 -3.32
CA ASP C 27 -11.60 -19.45 -4.45
C ASP C 27 -10.81 -19.13 -5.72
N GLY C 28 -9.78 -18.29 -5.64
CA GLY C 28 -8.91 -18.00 -6.75
C GLY C 28 -9.31 -16.81 -7.61
N THR C 29 -10.54 -16.31 -7.45
CA THR C 29 -11.00 -15.13 -8.19
C THR C 29 -10.08 -13.94 -7.92
N ILE C 30 -9.69 -13.24 -8.98
CA ILE C 30 -8.85 -12.05 -8.88
C ILE C 30 -9.73 -10.82 -9.01
N TYR C 31 -9.61 -9.90 -8.06
CA TYR C 31 -10.40 -8.66 -8.04
C TYR C 31 -9.49 -7.48 -8.29
N VAL C 32 -9.92 -6.57 -9.16
CA VAL C 32 -9.09 -5.41 -9.44
C VAL C 32 -9.99 -4.25 -9.84
N GLY C 33 -9.68 -3.06 -9.30
CA GLY C 33 -10.38 -1.86 -9.71
C GLY C 33 -9.68 -1.18 -10.87
N SER C 34 -10.43 -0.41 -11.62
CA SER C 34 -9.89 0.30 -12.76
C SER C 34 -10.25 1.77 -12.66
N ASN C 35 -9.43 2.61 -13.31
CA ASN C 35 -9.81 4.00 -13.46
C ASN C 35 -11.05 4.16 -14.32
N ASP C 36 -11.47 3.10 -15.02
CA ASP C 36 -12.74 3.19 -15.75
C ASP C 36 -13.94 3.09 -14.82
N GLY C 37 -13.71 2.96 -13.51
CA GLY C 37 -14.77 3.02 -12.53
C GLY C 37 -15.38 1.68 -12.17
N HIS C 38 -14.94 0.59 -12.78
CA HIS C 38 -15.49 -0.73 -12.51
C HIS C 38 -14.55 -1.51 -11.59
N LEU C 39 -15.16 -2.31 -10.73
CA LEU C 39 -14.48 -3.40 -10.04
C LEU C 39 -14.70 -4.67 -10.86
N TYR C 40 -13.60 -5.32 -11.27
CA TYR C 40 -13.63 -6.53 -12.07
C TYR C 40 -13.36 -7.75 -11.20
N ALA C 41 -14.16 -8.80 -11.41
CA ALA C 41 -13.86 -10.13 -10.85
C ALA C 41 -13.46 -11.03 -12.02
N ILE C 42 -12.24 -11.56 -11.97
CA ILE C 42 -11.63 -12.29 -13.07
C ILE C 42 -11.36 -13.72 -12.62
N ASN C 43 -11.77 -14.70 -13.45
CA ASN C 43 -11.51 -16.10 -13.14
C ASN C 43 -10.03 -16.41 -13.37
N PRO C 44 -9.52 -17.45 -12.70
CA PRO C 44 -8.11 -17.84 -12.91
C PRO C 44 -7.72 -18.04 -14.36
N ASP C 45 -8.67 -18.41 -15.23
CA ASP C 45 -8.36 -18.62 -16.64
C ASP C 45 -8.45 -17.34 -17.47
N GLY C 46 -8.72 -16.19 -16.86
CA GLY C 46 -8.71 -14.94 -17.61
C GLY C 46 -10.07 -14.49 -18.12
N THR C 47 -11.13 -15.25 -17.89
CA THR C 47 -12.46 -14.81 -18.30
C THR C 47 -13.08 -13.94 -17.21
N GLU C 48 -13.99 -13.06 -17.61
CA GLU C 48 -14.62 -12.18 -16.65
C GLU C 48 -15.69 -12.95 -15.87
N LYS C 49 -15.59 -12.94 -14.54
CA LYS C 49 -16.67 -13.48 -13.73
C LYS C 49 -17.83 -12.49 -13.66
N TRP C 50 -17.54 -11.23 -13.32
CA TRP C 50 -18.48 -10.13 -13.45
C TRP C 50 -17.69 -8.84 -13.35
N ARG C 51 -18.38 -7.72 -13.57
CA ARG C 51 -17.83 -6.42 -13.27
C ARG C 51 -18.91 -5.58 -12.59
N PHE C 52 -18.48 -4.68 -11.72
CA PHE C 52 -19.39 -3.82 -10.96
C PHE C 52 -19.03 -2.36 -11.23
N LYS C 53 -20.03 -1.57 -11.62
CA LYS C 53 -19.80 -0.19 -12.02
C LYS C 53 -19.94 0.75 -10.82
N THR C 54 -18.91 1.54 -10.56
CA THR C 54 -19.04 2.71 -9.70
C THR C 54 -18.95 3.96 -10.58
N GLY C 55 -19.20 5.12 -9.98
CA GLY C 55 -19.36 6.33 -10.80
C GLY C 55 -18.06 6.94 -11.29
N LYS C 56 -16.96 6.70 -10.58
CA LYS C 56 -15.68 7.29 -10.96
C LYS C 56 -14.57 6.28 -10.67
N ALA C 57 -13.34 6.67 -10.97
CA ALA C 57 -12.20 5.77 -10.89
C ALA C 57 -12.08 5.11 -9.52
N ILE C 58 -11.54 3.89 -9.49
CA ILE C 58 -11.23 3.20 -8.25
C ILE C 58 -9.71 3.24 -8.08
N GLU C 59 -9.22 3.96 -7.06
CA GLU C 59 -7.79 4.24 -6.94
C GLU C 59 -7.05 3.30 -5.99
N ALA C 60 -7.75 2.51 -5.16
CA ALA C 60 -7.10 1.68 -4.17
C ALA C 60 -7.60 0.24 -4.29
N SER C 61 -6.82 -0.68 -3.72
CA SER C 61 -7.17 -2.10 -3.81
C SER C 61 -8.47 -2.40 -3.07
N PRO C 62 -9.25 -3.34 -3.58
CA PRO C 62 -10.38 -3.85 -2.81
C PRO C 62 -9.91 -4.69 -1.63
N VAL C 63 -10.81 -4.89 -0.67
CA VAL C 63 -10.55 -5.70 0.51
C VAL C 63 -11.66 -6.73 0.64
N ILE C 64 -11.30 -7.96 1.01
CA ILE C 64 -12.27 -9.04 1.09
C ILE C 64 -12.59 -9.34 2.56
N GLY C 65 -13.88 -9.30 2.90
CA GLY C 65 -14.29 -9.58 4.25
C GLY C 65 -14.37 -11.06 4.58
N GLU C 66 -14.51 -11.32 5.88
CA GLU C 66 -14.58 -12.68 6.41
C GLU C 66 -15.68 -13.49 5.73
N ASP C 67 -16.83 -12.87 5.45
CA ASP C 67 -17.93 -13.57 4.79
C ASP C 67 -17.86 -13.54 3.27
N GLY C 68 -16.77 -13.04 2.70
CA GLY C 68 -16.63 -13.00 1.27
C GLY C 68 -17.06 -11.70 0.60
N THR C 69 -17.62 -10.76 1.35
CA THR C 69 -18.00 -9.48 0.76
C THR C 69 -16.76 -8.74 0.28
N ILE C 70 -16.86 -8.09 -0.88
CA ILE C 70 -15.75 -7.34 -1.45
C ILE C 70 -16.02 -5.86 -1.27
N TYR C 71 -15.10 -5.15 -0.60
CA TYR C 71 -15.29 -3.74 -0.31
C TYR C 71 -14.34 -2.91 -1.14
N VAL C 72 -14.86 -1.83 -1.73
CA VAL C 72 -13.99 -0.98 -2.53
C VAL C 72 -14.49 0.47 -2.43
N GLY C 73 -13.55 1.40 -2.29
CA GLY C 73 -13.88 2.82 -2.33
C GLY C 73 -13.76 3.35 -3.74
N SER C 74 -14.56 4.36 -4.08
CA SER C 74 -14.53 4.94 -5.41
C SER C 74 -14.27 6.45 -5.31
N ASN C 75 -13.78 7.02 -6.41
CA ASN C 75 -13.68 8.47 -6.46
C ASN C 75 -15.05 9.12 -6.49
N ASP C 76 -16.13 8.34 -6.68
CA ASP C 76 -17.45 8.94 -6.58
C ASP C 76 -17.86 9.17 -5.13
N GLY C 77 -16.95 8.92 -4.17
CA GLY C 77 -17.19 9.17 -2.76
C GLY C 77 -17.82 8.05 -1.97
N HIS C 78 -18.30 6.99 -2.62
CA HIS C 78 -18.98 5.90 -1.92
C HIS C 78 -18.00 4.77 -1.61
N LEU C 79 -18.24 4.10 -0.49
CA LEU C 79 -17.68 2.79 -0.22
C LEU C 79 -18.72 1.74 -0.60
N TYR C 80 -18.34 0.80 -1.44
CA TYR C 80 -19.24 -0.21 -1.95
C TYR C 80 -18.97 -1.53 -1.24
N ALA C 81 -20.04 -2.25 -0.92
CA ALA C 81 -19.96 -3.62 -0.41
C ALA C 81 -20.60 -4.52 -1.44
N ILE C 82 -19.81 -5.40 -2.07
CA ILE C 82 -20.25 -6.21 -3.20
C ILE C 82 -20.28 -7.67 -2.78
N ASN C 83 -21.41 -8.33 -3.02
CA ASN C 83 -21.54 -9.77 -2.78
C ASN C 83 -20.64 -10.54 -3.74
N PRO C 84 -20.22 -11.75 -3.35
CA PRO C 84 -19.36 -12.57 -4.25
C PRO C 84 -19.97 -12.81 -5.62
N ASP C 85 -21.30 -12.78 -5.77
CA ASP C 85 -21.93 -12.94 -7.08
C ASP C 85 -22.01 -11.65 -7.89
N GLY C 86 -21.50 -10.54 -7.37
CA GLY C 86 -21.41 -9.33 -8.17
C GLY C 86 -22.54 -8.34 -7.98
N THR C 87 -23.54 -8.68 -7.17
CA THR C 87 -24.61 -7.73 -6.87
C THR C 87 -24.19 -6.85 -5.70
N GLU C 88 -24.71 -5.63 -5.65
CA GLU C 88 -24.40 -4.71 -4.56
C GLU C 88 -25.11 -5.15 -3.29
N LYS C 89 -24.35 -5.29 -2.20
CA LYS C 89 -24.96 -5.48 -0.90
C LYS C 89 -25.37 -4.14 -0.31
N TRP C 90 -24.47 -3.15 -0.33
CA TRP C 90 -24.84 -1.79 0.03
C TRP C 90 -23.77 -0.82 -0.47
N ARG C 91 -24.11 0.46 -0.39
CA ARG C 91 -23.10 1.47 -0.65
C ARG C 91 -23.25 2.56 0.39
N PHE C 92 -22.11 3.15 0.76
CA PHE C 92 -22.07 4.13 1.83
C PHE C 92 -21.48 5.42 1.27
N LYS C 93 -22.19 6.54 1.45
CA LYS C 93 -21.77 7.79 0.83
C LYS C 93 -20.89 8.61 1.77
N THR C 94 -19.70 8.96 1.32
CA THR C 94 -18.92 10.01 1.97
C THR C 94 -18.88 11.23 1.07
N GLY C 95 -18.30 12.32 1.59
CA GLY C 95 -18.42 13.61 0.93
C GLY C 95 -17.49 13.82 -0.26
N LYS C 96 -16.38 13.09 -0.29
CA LYS C 96 -15.40 13.24 -1.36
C LYS C 96 -14.77 11.88 -1.64
N ALA C 97 -13.83 11.85 -2.59
CA ALA C 97 -13.23 10.61 -3.04
C ALA C 97 -12.60 9.84 -1.89
N ILE C 98 -12.64 8.52 -2.00
CA ILE C 98 -11.99 7.61 -1.06
C ILE C 98 -10.74 7.09 -1.76
N GLU C 99 -9.56 7.51 -1.30
CA GLU C 99 -8.32 7.22 -2.02
C GLU C 99 -7.53 6.05 -1.46
N ALA C 100 -7.90 5.50 -0.30
CA ALA C 100 -7.17 4.37 0.27
C ALA C 100 -8.13 3.23 0.54
N SER C 101 -7.56 2.02 0.67
CA SER C 101 -8.34 0.84 0.96
C SER C 101 -9.02 0.92 2.33
N PRO C 102 -10.22 0.37 2.46
CA PRO C 102 -10.83 0.23 3.79
C PRO C 102 -10.09 -0.82 4.59
N VAL C 103 -10.30 -0.79 5.90
CA VAL C 103 -9.75 -1.76 6.83
C VAL C 103 -10.90 -2.33 7.65
N ILE C 104 -10.90 -3.65 7.85
CA ILE C 104 -12.01 -4.35 8.50
C ILE C 104 -11.57 -4.77 9.90
N GLY C 105 -12.31 -4.34 10.92
CA GLY C 105 -11.98 -4.73 12.27
C GLY C 105 -12.36 -6.17 12.54
N GLU C 106 -11.85 -6.69 13.66
CA GLU C 106 -12.14 -8.10 13.99
C GLU C 106 -13.62 -8.34 14.22
N ASP C 107 -14.34 -7.35 14.75
CA ASP C 107 -15.77 -7.48 14.95
C ASP C 107 -16.59 -7.16 13.70
N GLY C 108 -15.93 -6.96 12.55
CA GLY C 108 -16.59 -6.75 11.26
C GLY C 108 -16.77 -5.29 10.85
N THR C 109 -16.55 -4.34 11.76
CA THR C 109 -16.71 -2.93 11.42
C THR C 109 -15.75 -2.58 10.28
N ILE C 110 -16.25 -1.81 9.31
CA ILE C 110 -15.44 -1.37 8.18
C ILE C 110 -15.03 0.08 8.40
N TYR C 111 -13.74 0.34 8.40
CA TYR C 111 -13.20 1.67 8.60
C TYR C 111 -12.70 2.21 7.27
N VAL C 112 -13.08 3.45 6.95
CA VAL C 112 -12.56 4.04 5.72
C VAL C 112 -12.38 5.55 5.90
N GLY C 113 -11.26 6.04 5.38
CA GLY C 113 -11.00 7.46 5.39
C GLY C 113 -11.46 8.08 4.08
N SER C 114 -11.81 9.36 4.13
CA SER C 114 -12.29 10.04 2.95
C SER C 114 -11.53 11.33 2.75
N ASN C 115 -11.53 11.80 1.50
CA ASN C 115 -11.01 13.14 1.26
C ASN C 115 -11.84 14.22 1.93
N ASP C 116 -13.06 13.89 2.39
CA ASP C 116 -13.85 14.87 3.13
C ASP C 116 -13.31 15.09 4.54
N GLY C 117 -12.23 14.40 4.91
CA GLY C 117 -11.55 14.62 6.17
C GLY C 117 -11.97 13.73 7.32
N HIS C 118 -13.01 12.92 7.15
CA HIS C 118 -13.51 12.06 8.22
C HIS C 118 -13.01 10.62 8.07
N LEU C 119 -12.79 9.96 9.20
CA LEU C 119 -12.75 8.50 9.27
C LEU C 119 -14.14 7.98 9.61
N TYR C 120 -14.67 7.09 8.77
CA TYR C 120 -15.98 6.50 8.94
C TYR C 120 -15.85 5.08 9.48
N ALA C 121 -16.67 4.73 10.46
CA ALA C 121 -16.84 3.36 10.91
C ALA C 121 -18.23 2.90 10.48
N ILE C 122 -18.30 1.80 9.74
CA ILE C 122 -19.53 1.36 9.08
C ILE C 122 -19.89 -0.04 9.58
N ASN C 123 -21.18 -0.26 9.84
CA ASN C 123 -21.66 -1.58 10.21
C ASN C 123 -21.69 -2.52 9.00
N PRO C 124 -21.24 -3.78 9.16
CA PRO C 124 -21.15 -4.69 8.01
C PRO C 124 -22.52 -5.16 7.51
P PO4 D . 24.40 0.91 -13.46
O1 PO4 D . 25.16 0.24 -14.58
O2 PO4 D . 23.50 1.98 -14.04
O3 PO4 D . 23.56 -0.12 -12.74
O4 PO4 D . 25.37 1.56 -12.50
C1 GOL E . 12.05 14.15 22.11
O1 GOL E . 11.55 15.41 22.53
C2 GOL E . 13.02 14.43 20.90
O2 GOL E . 13.86 15.52 21.13
C3 GOL E . 13.79 13.10 20.69
O3 GOL E . 14.04 12.97 19.30
P PO4 F . -18.92 16.33 12.21
O1 PO4 F . -20.37 15.94 12.25
O2 PO4 F . -18.63 16.95 10.86
O3 PO4 F . -18.06 15.11 12.47
O4 PO4 F . -18.60 17.36 13.28
P PO4 G . -2.36 20.16 18.74
O1 PO4 G . -2.09 20.56 17.31
O2 PO4 G . -3.83 20.37 19.03
O3 PO4 G . -1.99 18.71 18.97
O4 PO4 G . -1.54 21.05 19.66
C1 GOL H . -19.13 -9.90 16.18
O1 GOL H . -20.42 -9.69 16.66
C2 GOL H . -18.46 -10.73 17.27
O2 GOL H . -19.08 -10.47 18.49
C3 GOL H . -16.92 -10.40 17.20
O3 GOL H . -16.21 -11.29 18.04
C1 GOL I . 2.10 -5.94 -23.74
O1 GOL I . 1.50 -4.70 -23.91
C2 GOL I . 3.04 -6.27 -24.94
O2 GOL I . 2.92 -7.56 -25.41
C3 GOL I . 2.79 -5.26 -26.08
O3 GOL I . 3.47 -5.80 -27.20
C1 GOL J . -11.55 -1.87 16.44
O1 GOL J . -10.84 -2.07 17.66
C2 GOL J . -12.12 -3.16 15.90
O2 GOL J . -13.36 -2.94 15.22
C3 GOL J . -12.29 -4.26 16.91
O3 GOL J . -12.89 -5.40 16.31
P PO4 K . -22.00 -1.35 -17.22
O1 PO4 K . -22.02 -2.40 -18.31
O2 PO4 K . -23.31 -0.59 -17.19
O3 PO4 K . -21.77 -2.02 -15.89
O4 PO4 K . -20.88 -0.36 -17.51
#